data_7R49
#
_entry.id   7R49
#
_cell.length_a   68.537
_cell.length_b   94.888
_cell.length_c   98.709
_cell.angle_alpha   90.000
_cell.angle_beta   90.000
_cell.angle_gamma   90.000
#
_symmetry.space_group_name_H-M   'P 21 21 21'
#
loop_
_entity.id
_entity.type
_entity.pdbx_description
1 polymer 'Holo-[acyl-carrier-protein] synthase'
2 polymer 'D-alanyl carrier protein 1'
3 non-polymer "4'-PHOSPHOPANTETHEINE"
4 non-polymer 2-AMINO-2-HYDROXYMETHYL-PROPANE-1,3-DIOL
5 water water
#
loop_
_entity_poly.entity_id
_entity_poly.type
_entity_poly.pdbx_seq_one_letter_code
_entity_poly.pdbx_strand_id
1 'polypeptide(L)'
;MVIYGTGIDLTELSRIEAILAKGLRLPEKILTPAELAVFSRYPVKRQIEFMAGRFSAKEAYSKAYGTGIGAAVGFQDIEI
LDNAQGKPEVTRHPFDGPAWISISHTDTLVMTQVILERGNL
;
A,B,C
2 'polypeptide(L)'
;MTMDDTKATVLSILADLTGEDVSSNMDVNLFDEGILDSMGSVQLLLELQNQLGIEVPVSEFQRSEWDTPAKIVAKVENLQ
LEHHHHHH
;
H,E,F
#
loop_
_chem_comp.id
_chem_comp.type
_chem_comp.name
_chem_comp.formula
PNS non-polymer 4'-PHOSPHOPANTETHEINE 'C11 H23 N2 O7 P S'
TRS non-polymer 2-AMINO-2-HYDROXYMETHYL-PROPANE-1,3-DIOL 'C4 H12 N O3 1'
#
# COMPACT_ATOMS: atom_id res chain seq x y z
N MET A 1 -3.96 -19.43 -19.10
CA MET A 1 -2.93 -18.51 -18.63
C MET A 1 -3.07 -18.45 -17.09
N VAL A 2 -1.97 -18.48 -16.35
CA VAL A 2 -2.02 -18.55 -14.89
C VAL A 2 -1.08 -17.49 -14.33
N ILE A 3 -1.25 -17.17 -13.04
CA ILE A 3 -0.31 -16.27 -12.40
C ILE A 3 1.01 -16.99 -12.21
N TYR A 4 2.09 -16.34 -12.59
CA TYR A 4 3.43 -16.85 -12.29
C TYR A 4 4.04 -16.26 -11.03
N GLY A 5 3.77 -14.99 -10.75
CA GLY A 5 4.35 -14.34 -9.60
C GLY A 5 3.70 -13.00 -9.37
N THR A 6 3.82 -12.53 -8.13
CA THR A 6 3.33 -11.24 -7.70
C THR A 6 4.41 -10.57 -6.85
N GLY A 7 4.36 -9.25 -6.81
CA GLY A 7 5.31 -8.49 -6.03
C GLY A 7 4.79 -7.11 -5.76
N ILE A 8 4.90 -6.67 -4.51
CA ILE A 8 4.51 -5.31 -4.19
C ILE A 8 5.67 -4.68 -3.41
N ASP A 9 5.72 -3.35 -3.46
CA ASP A 9 6.77 -2.64 -2.75
C ASP A 9 6.27 -1.29 -2.27
N LEU A 10 6.63 -0.96 -1.02
CA LEU A 10 6.31 0.33 -0.42
C LEU A 10 7.61 0.98 0.02
N THR A 11 7.93 2.15 -0.55
CA THR A 11 9.24 2.78 -0.37
C THR A 11 9.07 4.19 0.19
N GLU A 12 9.83 4.49 1.25
CA GLU A 12 9.92 5.84 1.81
C GLU A 12 10.75 6.76 0.92
N LEU A 13 10.11 7.83 0.40
CA LEU A 13 10.80 8.77 -0.48
C LEU A 13 12.02 9.41 0.20
N SER A 14 11.97 9.63 1.53
CA SER A 14 13.08 10.31 2.19
C SER A 14 14.33 9.44 2.22
N ARG A 15 14.19 8.12 2.21
CA ARG A 15 15.37 7.27 2.10
C ARG A 15 16.06 7.43 0.75
N ILE A 16 15.26 7.53 -0.33
CA ILE A 16 15.83 7.76 -1.65
C ILE A 16 16.50 9.12 -1.71
N GLU A 17 15.77 10.17 -1.29
CA GLU A 17 16.31 11.52 -1.22
C GLU A 17 17.61 11.60 -0.44
N ALA A 18 17.72 10.87 0.68
CA ALA A 18 18.95 10.90 1.44
C ALA A 18 20.12 10.33 0.62
N ILE A 19 19.89 9.21 -0.05
CA ILE A 19 20.96 8.65 -0.87
C ILE A 19 21.34 9.63 -1.97
N LEU A 20 20.35 10.27 -2.59
CA LEU A 20 20.66 11.24 -3.65
C LEU A 20 21.38 12.47 -3.10
N ALA A 21 20.98 12.96 -1.92
CA ALA A 21 21.62 14.14 -1.34
C ALA A 21 23.06 13.88 -0.95
N LYS A 22 23.40 12.63 -0.61
CA LYS A 22 24.76 12.23 -0.30
C LYS A 22 25.64 12.19 -1.54
N GLY A 23 25.07 12.44 -2.71
CA GLY A 23 25.82 12.45 -3.94
C GLY A 23 26.17 11.09 -4.50
N LEU A 24 25.57 10.01 -4.00
CA LEU A 24 25.88 8.69 -4.53
C LEU A 24 25.18 8.48 -5.88
N ARG A 25 25.80 7.67 -6.71
CA ARG A 25 25.36 7.43 -8.08
C ARG A 25 24.25 6.38 -8.13
N LEU A 26 23.20 6.61 -7.32
CA LEU A 26 22.02 5.74 -7.39
C LEU A 26 21.31 5.78 -8.74
N PRO A 27 21.13 6.94 -9.39
CA PRO A 27 20.43 6.93 -10.68
C PRO A 27 21.12 6.06 -11.73
N GLU A 28 22.43 6.22 -11.89
CA GLU A 28 23.17 5.38 -12.84
C GLU A 28 23.09 3.90 -12.51
N LYS A 29 22.99 3.55 -11.22
CA LYS A 29 22.91 2.14 -10.85
C LYS A 29 21.54 1.53 -11.17
N ILE A 30 20.45 2.27 -10.89
CA ILE A 30 19.09 1.70 -10.92
C ILE A 30 18.40 1.89 -12.27
N LEU A 31 18.68 2.99 -12.98
CA LEU A 31 17.94 3.38 -14.16
C LEU A 31 18.67 2.98 -15.44
N THR A 32 17.90 2.61 -16.45
CA THR A 32 18.45 2.40 -17.78
C THR A 32 18.77 3.75 -18.39
N PRO A 33 19.53 3.77 -19.49
CA PRO A 33 19.79 5.05 -20.16
C PRO A 33 18.52 5.84 -20.45
N ALA A 34 17.48 5.18 -20.97
CA ALA A 34 16.25 5.90 -21.30
C ALA A 34 15.59 6.45 -20.05
N GLU A 35 15.51 5.65 -18.98
CA GLU A 35 14.96 6.13 -17.73
C GLU A 35 15.80 7.27 -17.18
N LEU A 36 17.13 7.13 -17.26
CA LEU A 36 18.02 8.17 -16.74
C LEU A 36 17.82 9.49 -17.48
N ALA A 37 17.57 9.42 -18.79
CA ALA A 37 17.34 10.66 -19.54
C ALA A 37 16.08 11.35 -19.05
N VAL A 38 15.03 10.58 -18.73
CA VAL A 38 13.82 11.18 -18.17
C VAL A 38 14.11 11.82 -16.81
N PHE A 39 14.71 11.05 -15.90
CA PHE A 39 15.11 11.56 -14.59
C PHE A 39 15.86 12.90 -14.69
N SER A 40 16.76 13.02 -15.65
CA SER A 40 17.62 14.21 -15.76
C SER A 40 16.83 15.47 -16.07
N ARG A 41 15.67 15.35 -16.72
CA ARG A 41 14.90 16.53 -17.10
C ARG A 41 14.03 17.08 -15.97
N TYR A 42 13.90 16.35 -14.83
CA TYR A 42 12.91 16.66 -13.79
C TYR A 42 13.51 17.55 -12.70
N PRO A 43 12.71 18.39 -12.04
CA PRO A 43 13.19 19.08 -10.85
C PRO A 43 13.31 18.13 -9.68
N VAL A 44 13.95 18.59 -8.60
CA VAL A 44 14.39 17.69 -7.54
C VAL A 44 13.23 16.88 -6.96
N LYS A 45 12.12 17.54 -6.58
CA LYS A 45 11.03 16.81 -5.92
C LYS A 45 10.53 15.69 -6.82
N ARG A 46 10.42 15.96 -8.11
CA ARG A 46 10.00 14.96 -9.07
C ARG A 46 11.08 13.89 -9.28
N GLN A 47 12.36 14.31 -9.28
CA GLN A 47 13.46 13.34 -9.40
C GLN A 47 13.43 12.33 -8.26
N ILE A 48 13.18 12.79 -7.03
CA ILE A 48 13.10 11.86 -5.90
C ILE A 48 11.99 10.85 -6.13
N GLU A 49 10.79 11.33 -6.52
CA GLU A 49 9.67 10.42 -6.63
C GLU A 49 9.85 9.46 -7.80
N PHE A 50 10.36 9.97 -8.93
CA PHE A 50 10.60 9.11 -10.08
C PHE A 50 11.60 8.02 -9.73
N MET A 51 12.71 8.42 -9.11
CA MET A 51 13.76 7.50 -8.71
C MET A 51 13.21 6.45 -7.73
N ALA A 52 12.46 6.91 -6.72
CA ALA A 52 11.88 5.99 -5.77
C ALA A 52 10.93 5.00 -6.45
N GLY A 53 10.09 5.50 -7.36
CA GLY A 53 9.12 4.64 -8.01
C GLY A 53 9.77 3.58 -8.89
N ARG A 54 10.84 3.94 -9.59
CA ARG A 54 11.58 2.95 -10.40
C ARG A 54 12.28 1.92 -9.53
N PHE A 55 12.98 2.37 -8.49
CA PHE A 55 13.54 1.42 -7.55
C PHE A 55 12.46 0.48 -7.06
N SER A 56 11.34 1.06 -6.65
CA SER A 56 10.23 0.30 -6.06
C SER A 56 9.69 -0.71 -7.06
N ALA A 57 9.41 -0.24 -8.28
CA ALA A 57 8.83 -1.10 -9.30
C ALA A 57 9.75 -2.26 -9.64
N LYS A 58 11.06 -2.00 -9.70
CA LYS A 58 11.96 -3.08 -10.09
C LYS A 58 12.16 -4.06 -8.95
N GLU A 59 12.16 -3.60 -7.69
CA GLU A 59 12.10 -4.53 -6.56
C GLU A 59 10.83 -5.37 -6.63
N ALA A 60 9.67 -4.74 -6.81
CA ALA A 60 8.40 -5.47 -6.91
C ALA A 60 8.44 -6.49 -8.03
N TYR A 61 9.00 -6.11 -9.19
CA TYR A 61 9.11 -7.03 -10.32
C TYR A 61 9.96 -8.23 -9.95
N SER A 62 11.13 -7.99 -9.33
CA SER A 62 12.03 -9.10 -9.01
C SER A 62 11.37 -10.11 -8.08
N LYS A 63 10.46 -9.64 -7.24
CA LYS A 63 9.76 -10.56 -6.35
C LYS A 63 8.75 -11.40 -7.13
N ALA A 64 8.06 -10.79 -8.09
CA ALA A 64 7.18 -11.56 -8.96
C ALA A 64 7.98 -12.56 -9.79
N TYR A 65 9.16 -12.13 -10.27
CA TYR A 65 10.04 -12.97 -11.07
C TYR A 65 10.60 -14.12 -10.27
N GLY A 66 10.65 -14.00 -8.94
CA GLY A 66 10.87 -15.12 -8.05
C GLY A 66 12.15 -15.07 -7.24
N THR A 67 13.08 -14.17 -7.53
CA THR A 67 14.43 -14.29 -7.02
C THR A 67 14.93 -13.09 -6.23
N GLY A 68 14.24 -11.96 -6.27
CA GLY A 68 14.84 -10.71 -5.82
C GLY A 68 15.90 -10.19 -6.79
N ILE A 69 16.29 -8.93 -6.64
CA ILE A 69 17.30 -8.36 -7.52
C ILE A 69 18.61 -9.08 -7.28
N GLY A 70 19.25 -9.48 -8.38
CA GLY A 70 20.53 -10.15 -8.29
C GLY A 70 20.91 -10.78 -9.62
N ALA A 71 21.58 -11.93 -9.55
CA ALA A 71 22.07 -12.59 -10.76
C ALA A 71 20.95 -12.99 -11.71
N ALA A 72 19.75 -13.27 -11.18
CA ALA A 72 18.67 -13.70 -12.06
C ALA A 72 18.02 -12.51 -12.77
N VAL A 73 17.87 -11.37 -12.08
CA VAL A 73 17.36 -10.17 -12.70
C VAL A 73 17.93 -8.97 -11.98
N GLY A 74 18.51 -8.05 -12.75
CA GLY A 74 19.07 -6.83 -12.22
C GLY A 74 18.24 -5.63 -12.60
N PHE A 75 18.61 -4.48 -12.04
CA PHE A 75 17.89 -3.26 -12.35
C PHE A 75 17.94 -2.90 -13.83
N GLN A 76 19.07 -3.18 -14.48
CA GLN A 76 19.29 -2.85 -15.88
C GLN A 76 18.54 -3.79 -16.83
N ASP A 77 17.98 -4.90 -16.34
CA ASP A 77 17.15 -5.80 -17.12
C ASP A 77 15.69 -5.37 -17.20
N ILE A 78 15.27 -4.39 -16.41
CA ILE A 78 13.88 -3.95 -16.36
C ILE A 78 13.82 -2.49 -16.77
N GLU A 79 12.93 -2.16 -17.69
CA GLU A 79 12.76 -0.76 -18.05
C GLU A 79 11.28 -0.38 -18.01
N ILE A 80 11.02 0.79 -17.46
CA ILE A 80 9.67 1.28 -17.23
C ILE A 80 9.62 2.74 -17.65
N LEU A 81 8.94 3.01 -18.75
CA LEU A 81 8.77 4.38 -19.22
C LEU A 81 7.29 4.71 -19.36
N ASP A 82 6.94 5.92 -18.92
CA ASP A 82 5.57 6.40 -19.06
C ASP A 82 5.22 6.57 -20.54
N ASN A 83 3.95 6.29 -20.86
CA ASN A 83 3.39 6.66 -22.15
C ASN A 83 3.39 8.18 -22.32
N ALA A 84 3.03 8.61 -23.54
CA ALA A 84 2.80 10.04 -23.74
C ALA A 84 1.62 10.53 -22.92
N GLN A 85 0.68 9.63 -22.58
CA GLN A 85 -0.41 9.95 -21.67
C GLN A 85 0.01 9.85 -20.20
N GLY A 86 1.24 9.42 -19.93
CA GLY A 86 1.71 9.26 -18.58
C GLY A 86 1.47 7.89 -17.97
N LYS A 87 1.19 6.85 -18.80
CA LYS A 87 0.93 5.54 -18.24
C LYS A 87 2.19 4.67 -18.27
N PRO A 88 2.61 4.10 -17.15
CA PRO A 88 3.84 3.29 -17.12
C PRO A 88 3.62 1.90 -17.68
N GLU A 89 4.54 1.45 -18.54
CA GLU A 89 4.48 0.13 -19.11
C GLU A 89 5.85 -0.52 -18.97
N VAL A 90 5.88 -1.82 -18.73
CA VAL A 90 7.16 -2.52 -18.67
C VAL A 90 7.65 -2.75 -20.11
N THR A 91 8.46 -1.82 -20.61
CA THR A 91 8.89 -1.90 -22.00
C THR A 91 9.98 -2.95 -22.24
N ARG A 92 10.81 -3.25 -21.23
CA ARG A 92 11.81 -4.31 -21.32
C ARG A 92 11.84 -5.09 -20.01
N HIS A 93 11.90 -6.42 -20.11
CA HIS A 93 12.02 -7.25 -18.92
C HIS A 93 12.31 -8.68 -19.35
N PRO A 94 12.87 -9.52 -18.46
CA PRO A 94 13.32 -10.85 -18.89
C PRO A 94 12.24 -11.91 -18.99
N PHE A 95 11.04 -11.70 -18.46
CA PHE A 95 10.08 -12.79 -18.33
C PHE A 95 9.29 -12.97 -19.63
N ASP A 96 9.12 -14.22 -20.03
CA ASP A 96 8.39 -14.56 -21.24
C ASP A 96 6.92 -14.74 -20.87
N GLY A 97 6.23 -13.60 -20.77
CA GLY A 97 4.84 -13.56 -20.37
C GLY A 97 4.38 -12.14 -20.16
N PRO A 98 3.08 -11.92 -20.06
CA PRO A 98 2.57 -10.60 -19.66
C PRO A 98 3.14 -10.14 -18.32
N ALA A 99 3.49 -8.87 -18.27
CA ALA A 99 3.93 -8.19 -17.06
C ALA A 99 2.99 -7.01 -16.81
N TRP A 100 2.51 -6.90 -15.58
CA TRP A 100 1.60 -5.83 -15.18
C TRP A 100 2.25 -5.01 -14.10
N ILE A 101 2.19 -3.70 -14.26
CA ILE A 101 2.84 -2.76 -13.35
C ILE A 101 1.85 -1.64 -13.08
N SER A 102 1.75 -1.25 -11.82
CA SER A 102 1.03 -0.05 -11.45
C SER A 102 1.82 0.64 -10.34
N ILE A 103 1.84 1.97 -10.36
CA ILE A 103 2.60 2.80 -9.45
C ILE A 103 1.71 3.93 -8.93
N SER A 104 1.84 4.27 -7.65
CA SER A 104 1.14 5.43 -7.12
C SER A 104 1.96 6.03 -5.98
N HIS A 105 1.80 7.33 -5.74
CA HIS A 105 2.66 7.96 -4.75
C HIS A 105 1.90 9.08 -4.03
N THR A 106 2.41 9.44 -2.87
CA THR A 106 2.00 10.66 -2.19
C THR A 106 3.23 11.57 -2.20
N ASP A 107 3.27 12.55 -1.30
CA ASP A 107 4.49 13.33 -1.12
C ASP A 107 5.57 12.59 -0.36
N THR A 108 5.23 11.55 0.39
CA THR A 108 6.20 10.86 1.23
C THR A 108 6.43 9.40 0.88
N LEU A 109 5.54 8.75 0.09
CA LEU A 109 5.60 7.31 -0.13
C LEU A 109 5.45 7.00 -1.61
N VAL A 110 6.02 5.89 -2.05
CA VAL A 110 5.63 5.31 -3.34
C VAL A 110 5.32 3.84 -3.12
N MET A 111 4.32 3.34 -3.86
CA MET A 111 3.80 1.99 -3.77
C MET A 111 3.72 1.44 -5.19
N THR A 112 4.25 0.23 -5.42
CA THR A 112 4.16 -0.36 -6.76
C THR A 112 3.67 -1.79 -6.64
N GLN A 113 3.03 -2.30 -7.70
CA GLN A 113 2.62 -3.69 -7.74
C GLN A 113 2.93 -4.26 -9.10
N VAL A 114 3.44 -5.49 -9.12
CA VAL A 114 3.70 -6.20 -10.37
C VAL A 114 3.03 -7.57 -10.28
N ILE A 115 2.42 -8.00 -11.39
CA ILE A 115 1.97 -9.38 -11.56
C ILE A 115 2.58 -9.90 -12.86
N LEU A 116 3.06 -11.13 -12.83
CA LEU A 116 3.54 -11.82 -14.01
C LEU A 116 2.62 -13.00 -14.29
N GLU A 117 2.28 -13.20 -15.56
CA GLU A 117 1.48 -14.35 -15.97
C GLU A 117 2.27 -15.20 -16.95
N ARG A 118 2.00 -16.51 -16.93
CA ARG A 118 2.58 -17.44 -17.88
C ARG A 118 1.48 -18.07 -18.73
N GLY A 119 1.65 -18.00 -20.05
CA GLY A 119 0.74 -18.63 -20.98
C GLY A 119 1.16 -20.04 -21.35
N ASP B 4 43.07 -6.31 7.26
CA ASP B 4 43.14 -5.36 6.14
C ASP B 4 42.30 -4.13 6.41
N ASP B 5 42.70 -3.02 5.77
CA ASP B 5 41.85 -1.83 5.77
C ASP B 5 40.54 -2.10 5.06
N THR B 6 40.53 -3.07 4.14
CA THR B 6 39.32 -3.40 3.40
C THR B 6 38.25 -3.99 4.31
N LYS B 7 38.64 -4.95 5.15
CA LYS B 7 37.67 -5.55 6.04
C LYS B 7 37.12 -4.53 7.02
N ALA B 8 37.99 -3.67 7.57
CA ALA B 8 37.49 -2.64 8.48
C ALA B 8 36.55 -1.69 7.76
N THR B 9 36.85 -1.37 6.51
CA THR B 9 35.98 -0.45 5.77
C THR B 9 34.63 -1.11 5.47
N VAL B 10 34.62 -2.39 5.09
CA VAL B 10 33.36 -3.10 4.86
C VAL B 10 32.53 -3.10 6.13
N LEU B 11 33.17 -3.38 7.28
CA LEU B 11 32.43 -3.45 8.54
C LEU B 11 31.93 -2.08 8.98
N SER B 12 32.68 -1.03 8.65
CA SER B 12 32.25 0.33 8.95
C SER B 12 31.07 0.75 8.06
N ILE B 13 31.11 0.44 6.76
CA ILE B 13 29.95 0.66 5.90
C ILE B 13 28.70 -0.05 6.44
N LEU B 14 28.84 -1.33 6.78
CA LEU B 14 27.71 -2.07 7.35
C LEU B 14 27.21 -1.43 8.64
N ALA B 15 28.12 -0.94 9.48
CA ALA B 15 27.66 -0.36 10.74
C ALA B 15 26.82 0.87 10.47
N ASP B 16 27.27 1.74 9.54
CA ASP B 16 26.49 2.91 9.13
C ASP B 16 25.13 2.51 8.58
N LEU B 17 25.08 1.46 7.75
CA LEU B 17 23.83 1.12 7.07
C LEU B 17 22.83 0.50 8.05
N THR B 18 23.29 -0.39 8.92
CA THR B 18 22.41 -1.11 9.83
C THR B 18 22.15 -0.35 11.12
N GLY B 19 22.98 0.64 11.44
CA GLY B 19 22.87 1.35 12.71
C GLY B 19 23.55 0.69 13.90
N GLU B 20 24.27 -0.42 13.72
CA GLU B 20 24.91 -1.05 14.86
C GLU B 20 26.22 -1.69 14.45
N ASP B 21 27.08 -1.95 15.44
CA ASP B 21 28.38 -2.57 15.20
C ASP B 21 28.19 -4.08 15.05
N VAL B 22 28.51 -4.59 13.85
CA VAL B 22 28.35 -6.02 13.54
C VAL B 22 29.69 -6.77 13.54
N SER B 23 30.78 -6.11 13.97
CA SER B 23 32.08 -6.78 13.99
C SER B 23 32.11 -7.95 14.97
N SER B 24 31.33 -7.90 16.04
CA SER B 24 31.26 -9.00 17.00
C SER B 24 30.06 -9.90 16.73
N ASN B 25 29.53 -9.87 15.52
CA ASN B 25 28.27 -10.52 15.19
C ASN B 25 28.30 -10.90 13.71
N MET B 26 29.43 -11.48 13.26
CA MET B 26 29.75 -11.61 11.84
C MET B 26 28.88 -12.61 11.10
N ASP B 27 28.03 -13.37 11.80
CA ASP B 27 27.16 -14.33 11.14
C ASP B 27 25.68 -13.97 11.24
N VAL B 28 25.36 -12.81 11.82
CA VAL B 28 23.96 -12.39 11.86
C VAL B 28 23.43 -12.32 10.45
N ASN B 29 22.21 -12.80 10.24
CA ASN B 29 21.57 -12.69 8.93
C ASN B 29 20.93 -11.30 8.89
N LEU B 30 21.63 -10.37 8.24
CA LEU B 30 21.24 -8.96 8.26
C LEU B 30 19.83 -8.75 7.75
N PHE B 31 19.42 -9.52 6.73
CA PHE B 31 18.12 -9.31 6.11
C PHE B 31 17.01 -9.90 6.96
N ASP B 32 17.24 -11.10 7.50
CA ASP B 32 16.25 -11.73 8.36
C ASP B 32 16.03 -10.91 9.63
N GLU B 33 17.09 -10.37 10.23
CA GLU B 33 16.88 -9.53 11.41
C GLU B 33 16.40 -8.13 11.11
N GLY B 34 16.19 -7.75 9.85
CA GLY B 34 15.59 -6.46 9.58
C GLY B 34 16.53 -5.27 9.74
N ILE B 35 17.83 -5.49 9.80
CA ILE B 35 18.74 -4.36 9.94
C ILE B 35 19.35 -3.95 8.63
N LEU B 36 19.23 -4.78 7.61
CA LEU B 36 19.56 -4.38 6.25
C LEU B 36 18.41 -4.80 5.35
N ASP B 37 18.07 -3.95 4.39
CA ASP B 37 17.00 -4.30 3.50
C ASP B 37 17.50 -4.06 2.06
N SER B 38 16.57 -3.99 1.10
CA SER B 38 16.94 -3.89 -0.29
C SER B 38 17.60 -2.85 -0.66
N MET B 39 17.12 -1.77 -0.03
CA MET B 39 17.62 -0.44 -0.38
C MET B 39 19.03 -0.30 0.18
N GLY B 40 19.19 -0.77 1.42
CA GLY B 40 20.49 -0.77 2.05
C GLY B 40 21.52 -1.58 1.27
N SER B 41 21.09 -2.69 0.68
CA SER B 41 21.98 -3.53 -0.10
C SER B 41 22.44 -2.82 -1.37
N VAL B 42 21.60 -1.99 -1.97
CA VAL B 42 22.07 -1.13 -3.07
C VAL B 42 23.03 -0.08 -2.55
N GLN B 43 22.71 0.57 -1.42
CA GLN B 43 23.63 1.56 -0.87
C GLN B 43 24.96 0.93 -0.53
N LEU B 44 24.94 -0.32 -0.06
CA LEU B 44 26.16 -1.07 0.17
C LEU B 44 27.00 -1.13 -1.10
N LEU B 45 26.39 -1.44 -2.24
CA LEU B 45 27.19 -1.50 -3.47
C LEU B 45 27.75 -0.12 -3.82
N LEU B 46 26.94 0.93 -3.68
CA LEU B 46 27.42 2.27 -4.00
C LEU B 46 28.57 2.69 -3.10
N GLU B 47 28.51 2.32 -1.83
CA GLU B 47 29.56 2.69 -0.88
C GLU B 47 30.85 1.93 -1.16
N LEU B 48 30.74 0.66 -1.51
CA LEU B 48 31.91 -0.14 -1.83
C LEU B 48 32.67 0.46 -3.01
N GLN B 49 31.95 0.81 -4.07
CA GLN B 49 32.56 1.50 -5.20
C GLN B 49 33.09 2.87 -4.76
N ASN B 50 32.28 3.68 -4.09
CA ASN B 50 32.75 5.02 -3.75
C ASN B 50 33.96 4.98 -2.81
N GLN B 51 33.92 4.14 -1.79
CA GLN B 51 34.93 4.20 -0.75
C GLN B 51 36.15 3.34 -1.05
N LEU B 52 35.98 2.25 -1.80
CA LEU B 52 37.06 1.31 -2.04
C LEU B 52 37.43 1.19 -3.50
N GLY B 53 36.64 1.74 -4.42
CA GLY B 53 36.85 1.52 -5.83
C GLY B 53 36.59 0.10 -6.28
N ILE B 54 35.80 -0.66 -5.53
CA ILE B 54 35.41 -2.02 -5.89
C ILE B 54 33.98 -1.92 -6.42
N GLU B 55 33.82 -2.01 -7.74
CA GLU B 55 32.49 -2.07 -8.29
C GLU B 55 31.99 -3.49 -8.28
N VAL B 56 30.81 -3.69 -7.71
CA VAL B 56 30.17 -4.98 -7.70
C VAL B 56 28.98 -4.87 -8.64
N PRO B 57 29.04 -5.46 -9.83
CA PRO B 57 27.84 -5.49 -10.67
C PRO B 57 26.75 -6.35 -10.03
N VAL B 58 25.51 -5.94 -10.27
CA VAL B 58 24.37 -6.62 -9.65
C VAL B 58 24.31 -8.08 -10.06
N SER B 59 24.86 -8.42 -11.24
CA SER B 59 24.92 -9.84 -11.63
C SER B 59 25.74 -10.68 -10.65
N GLU B 60 26.69 -10.08 -9.93
CA GLU B 60 27.50 -10.78 -8.93
C GLU B 60 26.93 -10.69 -7.52
N PHE B 61 25.70 -10.22 -7.36
CA PHE B 61 25.11 -10.01 -6.06
C PHE B 61 23.90 -10.91 -5.90
N GLN B 62 23.98 -11.83 -4.95
CA GLN B 62 22.85 -12.69 -4.61
C GLN B 62 22.67 -12.56 -3.10
N ARG B 63 21.51 -12.07 -2.68
CA ARG B 63 21.23 -11.87 -1.26
C ARG B 63 21.70 -13.06 -0.43
N SER B 64 21.36 -14.27 -0.86
CA SER B 64 21.71 -15.47 -0.10
C SER B 64 23.21 -15.64 0.10
N GLU B 65 24.04 -15.04 -0.76
CA GLU B 65 25.49 -15.10 -0.63
C GLU B 65 26.11 -13.83 -0.06
N TRP B 66 25.29 -12.82 0.26
CA TRP B 66 25.75 -11.53 0.79
C TRP B 66 24.97 -11.14 2.04
N ASP B 67 24.51 -12.12 2.81
CA ASP B 67 23.51 -11.81 3.83
C ASP B 67 24.06 -11.86 5.25
N THR B 68 25.36 -12.08 5.43
CA THR B 68 26.00 -11.92 6.73
C THR B 68 27.24 -11.05 6.55
N PRO B 69 27.68 -10.37 7.62
CA PRO B 69 28.91 -9.56 7.47
C PRO B 69 30.12 -10.39 7.07
N ALA B 70 30.26 -11.60 7.63
CA ALA B 70 31.40 -12.44 7.26
C ALA B 70 31.37 -12.75 5.76
N LYS B 71 30.21 -13.16 5.23
CA LYS B 71 30.12 -13.44 3.79
C LYS B 71 30.46 -12.21 2.95
N ILE B 72 29.98 -11.03 3.38
CA ILE B 72 30.18 -9.81 2.61
C ILE B 72 31.65 -9.44 2.59
N VAL B 73 32.34 -9.61 3.72
CA VAL B 73 33.77 -9.34 3.77
C VAL B 73 34.53 -10.31 2.88
N ALA B 74 34.14 -11.58 2.90
CA ALA B 74 34.79 -12.55 2.03
C ALA B 74 34.60 -12.19 0.56
N LYS B 75 33.35 -11.90 0.16
CA LYS B 75 33.06 -11.46 -1.20
C LYS B 75 33.89 -10.25 -1.60
N VAL B 76 34.05 -9.29 -0.68
CA VAL B 76 34.77 -8.06 -1.02
C VAL B 76 36.28 -8.30 -1.04
N GLU B 77 36.79 -9.00 -0.02
CA GLU B 77 38.22 -9.33 0.02
C GLU B 77 38.69 -9.96 -1.28
N ASN B 78 37.92 -10.89 -1.83
CA ASN B 78 38.35 -11.57 -3.04
C ASN B 78 38.45 -10.59 -4.20
N LEU B 79 37.36 -9.88 -4.48
CA LEU B 79 37.32 -8.96 -5.63
C LEU B 79 38.49 -7.99 -5.60
N GLN B 80 38.80 -7.47 -4.43
CA GLN B 80 40.00 -6.68 -4.25
C GLN B 80 41.26 -7.47 -4.63
N MET C 1 -7.99 -21.71 -14.70
CA MET C 1 -7.52 -20.87 -13.61
C MET C 1 -8.13 -19.46 -13.70
N VAL C 2 -8.83 -19.04 -12.65
CA VAL C 2 -9.40 -17.70 -12.58
C VAL C 2 -9.06 -17.11 -11.22
N ILE C 3 -9.04 -15.78 -11.16
CA ILE C 3 -8.97 -15.14 -9.85
C ILE C 3 -10.19 -15.52 -9.03
N TYR C 4 -9.97 -15.93 -7.79
CA TYR C 4 -10.99 -16.24 -6.81
C TYR C 4 -11.27 -15.10 -5.85
N GLY C 5 -10.24 -14.34 -5.50
CA GLY C 5 -10.42 -13.16 -4.67
C GLY C 5 -9.09 -12.45 -4.54
N THR C 6 -9.17 -11.17 -4.19
CA THR C 6 -8.00 -10.37 -3.89
C THR C 6 -8.18 -9.69 -2.53
N GLY C 7 -7.06 -9.41 -1.89
CA GLY C 7 -7.12 -8.60 -0.69
C GLY C 7 -5.85 -7.83 -0.47
N ILE C 8 -6.00 -6.57 -0.07
CA ILE C 8 -4.88 -5.73 0.35
C ILE C 8 -5.12 -5.25 1.78
N ASP C 9 -4.03 -4.92 2.45
CA ASP C 9 -4.13 -4.35 3.79
C ASP C 9 -2.95 -3.43 4.08
N LEU C 10 -3.25 -2.28 4.68
CA LEU C 10 -2.28 -1.29 5.15
C LEU C 10 -2.40 -1.17 6.65
N THR C 11 -1.31 -1.43 7.37
CA THR C 11 -1.34 -1.47 8.82
C THR C 11 -0.27 -0.53 9.36
N GLU C 12 -0.62 0.25 10.39
CA GLU C 12 0.34 1.13 11.05
C GLU C 12 1.09 0.38 12.14
N LEU C 13 2.43 0.31 12.01
CA LEU C 13 3.23 -0.39 13.01
C LEU C 13 3.02 0.16 14.41
N SER C 14 2.73 1.47 14.54
CA SER C 14 2.64 2.04 15.89
C SER C 14 1.44 1.47 16.65
N ARG C 15 0.37 1.12 15.94
CA ARG C 15 -0.77 0.50 16.61
C ARG C 15 -0.42 -0.91 17.08
N ILE C 16 0.37 -1.64 16.31
CA ILE C 16 0.81 -2.97 16.73
C ILE C 16 1.75 -2.86 17.91
N GLU C 17 2.74 -1.98 17.81
CA GLU C 17 3.69 -1.77 18.91
C GLU C 17 2.95 -1.40 20.21
N ALA C 18 1.88 -0.59 20.13
CA ALA C 18 1.18 -0.20 21.33
C ALA C 18 0.44 -1.37 21.98
N ILE C 19 -0.20 -2.22 21.16
CA ILE C 19 -0.84 -3.40 21.72
C ILE C 19 0.18 -4.29 22.40
N LEU C 20 1.35 -4.51 21.77
CA LEU C 20 2.37 -5.36 22.38
C LEU C 20 2.91 -4.73 23.66
N ALA C 21 3.08 -3.41 23.68
CA ALA C 21 3.62 -2.73 24.85
C ALA C 21 2.69 -2.80 26.06
N LYS C 22 1.40 -3.03 25.84
CA LYS C 22 0.45 -3.20 26.93
C LYS C 22 0.48 -4.62 27.51
N GLY C 23 1.26 -5.52 26.92
CA GLY C 23 1.28 -6.89 27.38
C GLY C 23 0.00 -7.66 27.08
N LEU C 24 -0.84 -7.15 26.18
CA LEU C 24 -1.92 -7.95 25.64
C LEU C 24 -1.34 -9.03 24.73
N ARG C 25 -1.91 -10.23 24.83
CA ARG C 25 -1.31 -11.41 24.24
C ARG C 25 -1.62 -11.47 22.74
N LEU C 26 -1.33 -10.38 22.03
CA LEU C 26 -1.54 -10.34 20.58
C LEU C 26 -0.78 -11.40 19.82
N PRO C 27 0.51 -11.64 20.06
CA PRO C 27 1.21 -12.68 19.26
C PRO C 27 0.59 -14.05 19.39
N GLU C 28 0.24 -14.47 20.62
CA GLU C 28 -0.39 -15.77 20.80
C GLU C 28 -1.75 -15.83 20.12
N LYS C 29 -2.44 -14.70 20.01
CA LYS C 29 -3.75 -14.73 19.35
C LYS C 29 -3.62 -14.81 17.82
N ILE C 30 -2.65 -14.11 17.24
CA ILE C 30 -2.59 -13.98 15.78
C ILE C 30 -1.66 -15.00 15.11
N LEU C 31 -0.58 -15.38 15.78
CA LEU C 31 0.48 -16.16 15.15
C LEU C 31 0.26 -17.63 15.42
N THR C 32 0.50 -18.45 14.40
CA THR C 32 0.54 -19.89 14.62
C THR C 32 1.76 -20.20 15.49
N PRO C 33 1.84 -21.42 16.05
CA PRO C 33 3.03 -21.74 16.84
C PRO C 33 4.35 -21.62 16.08
N ALA C 34 4.40 -21.98 14.80
CA ALA C 34 5.65 -21.79 14.06
C ALA C 34 5.96 -20.30 13.88
N GLU C 35 4.94 -19.49 13.56
CA GLU C 35 5.16 -18.05 13.40
C GLU C 35 5.57 -17.41 14.73
N LEU C 36 4.96 -17.88 15.81
CA LEU C 36 5.26 -17.37 17.13
C LEU C 36 6.70 -17.60 17.48
N ALA C 37 7.20 -18.82 17.22
CA ALA C 37 8.60 -19.14 17.50
C ALA C 37 9.54 -18.18 16.76
N VAL C 38 9.27 -17.91 15.48
CA VAL C 38 10.07 -16.98 14.72
C VAL C 38 10.02 -15.60 15.34
N PHE C 39 8.81 -15.14 15.70
CA PHE C 39 8.64 -13.85 16.36
C PHE C 39 9.51 -13.78 17.61
N SER C 40 9.46 -14.81 18.43
CA SER C 40 10.14 -14.78 19.73
C SER C 40 11.65 -14.60 19.61
N ARG C 41 12.24 -14.92 18.45
CA ARG C 41 13.69 -14.89 18.27
C ARG C 41 14.22 -13.58 17.70
N TYR C 42 13.39 -12.71 17.32
CA TYR C 42 13.70 -11.45 16.65
C TYR C 42 13.96 -10.34 17.67
N PRO C 43 14.76 -9.32 17.32
CA PRO C 43 14.83 -8.13 18.18
C PRO C 43 13.54 -7.33 18.10
N VAL C 44 13.37 -6.41 19.07
CA VAL C 44 12.09 -5.71 19.23
C VAL C 44 11.63 -5.10 17.91
N LYS C 45 12.53 -4.41 17.21
CA LYS C 45 12.08 -3.68 16.03
C LYS C 45 11.54 -4.64 14.98
N ARG C 46 12.26 -5.74 14.75
CA ARG C 46 11.83 -6.73 13.78
C ARG C 46 10.60 -7.50 14.25
N GLN C 47 10.47 -7.75 15.56
CA GLN C 47 9.24 -8.32 16.10
C GLN C 47 8.01 -7.51 15.71
N ILE C 48 8.08 -6.19 15.93
CA ILE C 48 6.96 -5.32 15.61
C ILE C 48 6.57 -5.45 14.16
N GLU C 49 7.55 -5.39 13.27
CA GLU C 49 7.21 -5.43 11.85
C GLU C 49 6.80 -6.83 11.41
N PHE C 50 7.39 -7.89 11.99
CA PHE C 50 6.94 -9.25 11.67
C PHE C 50 5.52 -9.47 12.18
N MET C 51 5.23 -9.00 13.38
CA MET C 51 3.88 -9.16 13.92
C MET C 51 2.87 -8.38 13.10
N ALA C 52 3.19 -7.12 12.78
CA ALA C 52 2.27 -6.32 11.99
C ALA C 52 2.11 -6.90 10.59
N GLY C 53 3.19 -7.42 10.02
CA GLY C 53 3.11 -8.00 8.69
C GLY C 53 2.27 -9.26 8.65
N ARG C 54 2.32 -10.05 9.72
CA ARG C 54 1.50 -11.27 9.74
C ARG C 54 0.03 -10.95 9.98
N PHE C 55 -0.27 -10.05 10.92
CA PHE C 55 -1.63 -9.58 11.10
C PHE C 55 -2.19 -9.07 9.78
N SER C 56 -1.45 -8.18 9.14
CA SER C 56 -1.91 -7.55 7.92
C SER C 56 -2.19 -8.58 6.84
N ALA C 57 -1.23 -9.50 6.63
CA ALA C 57 -1.35 -10.50 5.58
C ALA C 57 -2.54 -11.43 5.84
N LYS C 58 -2.80 -11.76 7.10
CA LYS C 58 -3.96 -12.62 7.37
C LYS C 58 -5.26 -11.87 7.16
N GLU C 59 -5.27 -10.55 7.42
CA GLU C 59 -6.46 -9.77 7.09
C GLU C 59 -6.67 -9.71 5.59
N ALA C 60 -5.59 -9.49 4.84
CA ALA C 60 -5.68 -9.49 3.38
C ALA C 60 -6.14 -10.84 2.86
N TYR C 61 -5.58 -11.92 3.41
CA TYR C 61 -6.02 -13.26 3.02
C TYR C 61 -7.52 -13.40 3.20
N SER C 62 -8.03 -12.98 4.37
CA SER C 62 -9.47 -13.11 4.63
C SER C 62 -10.30 -12.32 3.65
N LYS C 63 -9.81 -11.15 3.20
CA LYS C 63 -10.51 -10.41 2.16
C LYS C 63 -10.55 -11.18 0.85
N ALA C 64 -9.44 -11.85 0.51
CA ALA C 64 -9.44 -12.63 -0.73
C ALA C 64 -10.30 -13.88 -0.59
N TYR C 65 -10.37 -14.47 0.60
CA TYR C 65 -11.18 -15.66 0.85
C TYR C 65 -12.68 -15.36 0.83
N GLY C 66 -13.07 -14.09 0.90
CA GLY C 66 -14.45 -13.68 0.77
C GLY C 66 -15.20 -13.53 2.06
N THR C 67 -14.58 -13.85 3.20
CA THR C 67 -15.18 -13.81 4.53
C THR C 67 -14.15 -13.20 5.45
N GLY C 68 -14.57 -12.30 6.33
CA GLY C 68 -13.59 -11.73 7.24
C GLY C 68 -12.96 -12.77 8.14
N ILE C 69 -12.11 -12.35 9.07
CA ILE C 69 -11.65 -13.26 10.12
C ILE C 69 -12.83 -13.59 11.02
N GLY C 70 -12.95 -14.86 11.38
CA GLY C 70 -14.04 -15.34 12.21
C GLY C 70 -14.22 -16.85 12.05
N ALA C 71 -15.47 -17.29 12.17
CA ALA C 71 -15.77 -18.71 12.09
C ALA C 71 -15.37 -19.31 10.74
N ALA C 72 -15.54 -18.55 9.66
CA ALA C 72 -15.18 -19.08 8.36
C ALA C 72 -13.67 -19.25 8.21
N VAL C 73 -12.88 -18.42 8.89
CA VAL C 73 -11.43 -18.52 8.78
C VAL C 73 -10.77 -17.78 9.94
N GLY C 74 -9.86 -18.45 10.62
CA GLY C 74 -9.23 -17.84 11.77
C GLY C 74 -7.79 -17.44 11.48
N PHE C 75 -7.23 -16.57 12.34
CA PHE C 75 -5.80 -16.31 12.27
C PHE C 75 -5.01 -17.61 12.33
N GLN C 76 -5.41 -18.53 13.20
CA GLN C 76 -4.68 -19.79 13.39
C GLN C 76 -4.79 -20.73 12.21
N ASP C 77 -5.62 -20.41 11.20
CA ASP C 77 -5.81 -21.25 10.02
C ASP C 77 -4.94 -20.84 8.85
N ILE C 78 -4.21 -19.72 8.97
CA ILE C 78 -3.35 -19.20 7.93
C ILE C 78 -1.94 -19.15 8.50
N GLU C 79 -0.99 -19.81 7.84
CA GLU C 79 0.39 -19.79 8.26
C GLU C 79 1.25 -19.25 7.13
N ILE C 80 2.07 -18.25 7.45
CA ILE C 80 2.89 -17.53 6.49
C ILE C 80 4.29 -17.54 7.05
N LEU C 81 5.20 -18.26 6.40
CA LEU C 81 6.56 -18.44 6.87
C LEU C 81 7.52 -18.08 5.76
N ASP C 82 8.62 -17.43 6.12
CA ASP C 82 9.67 -17.12 5.16
C ASP C 82 10.50 -18.37 4.90
N ASN C 83 10.85 -18.59 3.63
CA ASN C 83 11.77 -19.65 3.28
C ASN C 83 13.20 -19.20 3.55
N ALA C 84 14.17 -20.02 3.14
CA ALA C 84 15.58 -19.75 3.45
C ALA C 84 16.05 -18.44 2.82
N GLN C 85 15.48 -18.04 1.69
CA GLN C 85 15.82 -16.77 1.06
C GLN C 85 15.02 -15.58 1.59
N GLY C 86 14.20 -15.76 2.62
CA GLY C 86 13.40 -14.67 3.14
C GLY C 86 12.11 -14.39 2.40
N LYS C 87 11.68 -15.27 1.50
CA LYS C 87 10.45 -15.03 0.76
C LYS C 87 9.26 -15.58 1.53
N PRO C 88 8.25 -14.76 1.84
CA PRO C 88 7.09 -15.29 2.57
C PRO C 88 6.28 -16.20 1.65
N GLU C 89 5.75 -17.27 2.24
CA GLU C 89 4.86 -18.21 1.58
C GLU C 89 3.68 -18.55 2.48
N VAL C 90 2.50 -18.69 1.90
CA VAL C 90 1.37 -19.18 2.69
C VAL C 90 1.47 -20.70 2.71
N THR C 91 2.13 -21.25 3.73
CA THR C 91 2.38 -22.68 3.78
C THR C 91 1.13 -23.47 4.19
N ARG C 92 0.19 -22.86 4.91
CA ARG C 92 -1.06 -23.50 5.31
C ARG C 92 -2.18 -22.47 5.31
N HIS C 93 -3.30 -22.84 4.71
CA HIS C 93 -4.43 -21.95 4.56
C HIS C 93 -5.62 -22.79 4.08
N PRO C 94 -6.85 -22.33 4.30
CA PRO C 94 -8.00 -23.22 4.07
C PRO C 94 -8.43 -23.31 2.62
N PHE C 95 -7.97 -22.42 1.75
CA PHE C 95 -8.47 -22.42 0.37
C PHE C 95 -7.71 -23.41 -0.49
N ASP C 96 -8.45 -24.16 -1.28
CA ASP C 96 -7.89 -25.16 -2.19
C ASP C 96 -7.58 -24.51 -3.55
N GLY C 97 -6.41 -23.87 -3.63
CA GLY C 97 -5.98 -23.18 -4.83
C GLY C 97 -4.75 -22.33 -4.55
N PRO C 98 -4.08 -21.82 -5.60
CA PRO C 98 -2.86 -21.04 -5.37
C PRO C 98 -3.14 -19.78 -4.57
N ALA C 99 -2.28 -19.52 -3.59
CA ALA C 99 -2.33 -18.27 -2.84
C ALA C 99 -1.04 -17.51 -3.10
N TRP C 100 -1.16 -16.28 -3.57
CA TRP C 100 -0.01 -15.41 -3.76
C TRP C 100 0.04 -14.39 -2.63
N ILE C 101 1.20 -14.28 -1.98
CA ILE C 101 1.37 -13.32 -0.89
C ILE C 101 2.53 -12.39 -1.25
N SER C 102 2.35 -11.10 -1.00
CA SER C 102 3.49 -10.19 -1.05
C SER C 102 3.37 -9.21 0.11
N ILE C 103 4.51 -8.77 0.63
CA ILE C 103 4.56 -7.98 1.85
C ILE C 103 5.68 -6.94 1.69
N SER C 104 5.41 -5.69 2.06
CA SER C 104 6.45 -4.67 2.01
C SER C 104 6.18 -3.67 3.12
N HIS C 105 7.24 -3.13 3.71
CA HIS C 105 7.04 -2.29 4.88
C HIS C 105 7.94 -1.05 4.82
N THR C 106 7.60 -0.05 5.61
CA THR C 106 8.57 1.00 5.85
C THR C 106 8.91 0.97 7.34
N ASP C 107 9.50 2.05 7.85
CA ASP C 107 9.70 2.16 9.29
C ASP C 107 8.39 2.28 10.06
N THR C 108 7.30 2.77 9.43
CA THR C 108 6.03 3.00 10.13
C THR C 108 4.84 2.21 9.60
N LEU C 109 4.94 1.60 8.42
CA LEU C 109 3.76 0.99 7.80
C LEU C 109 4.13 -0.38 7.25
N VAL C 110 3.15 -1.26 7.19
CA VAL C 110 3.29 -2.51 6.44
C VAL C 110 2.10 -2.69 5.50
N MET C 111 2.40 -3.13 4.29
CA MET C 111 1.42 -3.32 3.23
C MET C 111 1.46 -4.78 2.80
N THR C 112 0.28 -5.41 2.64
CA THR C 112 0.26 -6.79 2.19
C THR C 112 -0.80 -6.97 1.11
N GLN C 113 -0.55 -7.91 0.23
CA GLN C 113 -1.42 -8.24 -0.89
C GLN C 113 -1.60 -9.75 -0.90
N VAL C 114 -2.85 -10.22 -0.96
CA VAL C 114 -3.10 -11.63 -1.24
C VAL C 114 -3.94 -11.73 -2.51
N ILE C 115 -3.57 -12.67 -3.37
CA ILE C 115 -4.43 -13.06 -4.48
C ILE C 115 -4.61 -14.57 -4.45
N LEU C 116 -5.87 -15.02 -4.53
CA LEU C 116 -6.22 -16.43 -4.61
C LEU C 116 -6.70 -16.75 -6.03
N GLU C 117 -6.26 -17.90 -6.56
CA GLU C 117 -6.74 -18.42 -7.84
C GLU C 117 -7.48 -19.73 -7.64
N ARG C 118 -8.43 -20.00 -8.52
CA ARG C 118 -9.20 -21.24 -8.49
C ARG C 118 -9.25 -21.84 -9.88
N GLY C 119 -9.07 -23.15 -9.96
CA GLY C 119 -9.31 -23.83 -11.20
C GLY C 119 -10.67 -24.51 -11.24
N ASN C 120 -10.64 -25.83 -11.38
CA ASN C 120 -11.79 -26.60 -11.80
C ASN C 120 -12.33 -27.52 -10.72
N LEU C 121 -11.71 -27.54 -9.53
CA LEU C 121 -12.25 -28.29 -8.38
C LEU C 121 -12.52 -27.37 -7.20
N THR D 2 -22.09 -6.54 40.02
CA THR D 2 -21.00 -6.83 39.09
C THR D 2 -21.43 -6.76 37.62
N MET D 3 -22.74 -6.71 37.36
CA MET D 3 -23.21 -6.54 35.98
C MET D 3 -23.07 -5.10 35.50
N ASP D 4 -23.50 -4.13 36.33
CA ASP D 4 -23.20 -2.74 36.00
C ASP D 4 -21.70 -2.52 35.88
N ASP D 5 -20.91 -3.27 36.66
CA ASP D 5 -19.46 -3.17 36.56
C ASP D 5 -18.96 -3.70 35.21
N THR D 6 -19.52 -4.81 34.74
CA THR D 6 -19.02 -5.36 33.48
C THR D 6 -19.55 -4.61 32.27
N LYS D 7 -20.76 -4.02 32.35
CA LYS D 7 -21.21 -3.18 31.25
C LYS D 7 -20.37 -1.91 31.14
N ALA D 8 -20.17 -1.24 32.28
CA ALA D 8 -19.33 -0.04 32.29
C ALA D 8 -17.94 -0.34 31.72
N THR D 9 -17.34 -1.45 32.16
CA THR D 9 -16.01 -1.81 31.67
C THR D 9 -16.01 -1.96 30.15
N VAL D 10 -17.04 -2.60 29.59
CA VAL D 10 -17.12 -2.76 28.14
C VAL D 10 -17.19 -1.39 27.46
N LEU D 11 -18.08 -0.51 27.94
CA LEU D 11 -18.18 0.81 27.34
C LEU D 11 -16.92 1.63 27.59
N SER D 12 -16.15 1.29 28.63
CA SER D 12 -14.87 1.96 28.84
C SER D 12 -13.81 1.45 27.88
N ILE D 13 -13.80 0.14 27.59
CA ILE D 13 -12.89 -0.39 26.58
C ILE D 13 -13.24 0.20 25.21
N LEU D 14 -14.51 0.11 24.82
CA LEU D 14 -14.94 0.70 23.55
C LEU D 14 -14.54 2.17 23.45
N ALA D 15 -14.75 2.94 24.53
CA ALA D 15 -14.39 4.36 24.49
C ALA D 15 -12.90 4.55 24.22
N ASP D 16 -12.08 3.66 24.78
CA ASP D 16 -10.65 3.73 24.54
C ASP D 16 -10.31 3.27 23.13
N LEU D 17 -10.90 2.16 22.67
CA LEU D 17 -10.63 1.68 21.31
C LEU D 17 -11.13 2.66 20.25
N THR D 18 -12.34 3.19 20.40
CA THR D 18 -12.92 4.03 19.37
C THR D 18 -12.61 5.51 19.55
N GLY D 19 -12.21 5.95 20.74
CA GLY D 19 -12.00 7.37 20.96
C GLY D 19 -13.24 8.20 21.23
N GLU D 20 -14.42 7.59 21.36
CA GLU D 20 -15.60 8.34 21.75
C GLU D 20 -16.49 7.52 22.67
N ASP D 21 -17.37 8.23 23.37
CA ASP D 21 -18.40 7.63 24.21
C ASP D 21 -19.53 7.15 23.33
N VAL D 22 -19.78 5.83 23.32
CA VAL D 22 -20.81 5.23 22.50
C VAL D 22 -22.10 5.00 23.26
N SER D 23 -22.17 5.42 24.54
CA SER D 23 -23.40 5.22 25.31
C SER D 23 -24.60 5.87 24.62
N SER D 24 -24.39 7.00 23.92
CA SER D 24 -25.52 7.69 23.32
C SER D 24 -25.96 7.05 22.00
N ASN D 25 -25.27 6.03 21.52
CA ASN D 25 -25.81 5.35 20.34
C ASN D 25 -25.41 3.87 20.45
N MET D 26 -26.11 3.16 21.33
CA MET D 26 -25.82 1.74 21.54
C MET D 26 -26.16 0.88 20.34
N ASP D 27 -26.85 1.42 19.33
CA ASP D 27 -27.14 0.64 18.14
C ASP D 27 -26.25 0.98 16.94
N VAL D 28 -25.27 1.87 17.10
CA VAL D 28 -24.40 2.22 15.97
C VAL D 28 -23.61 1.00 15.50
N ASN D 29 -23.54 0.82 14.19
CA ASN D 29 -22.63 -0.15 13.61
C ASN D 29 -21.23 0.44 13.67
N LEU D 30 -20.42 -0.07 14.61
CA LEU D 30 -19.10 0.51 14.88
C LEU D 30 -18.17 0.40 13.69
N PHE D 31 -18.30 -0.66 12.90
CA PHE D 31 -17.44 -0.92 11.76
C PHE D 31 -17.84 -0.11 10.53
N ASP D 32 -19.14 -0.04 10.24
CA ASP D 32 -19.58 0.78 9.11
C ASP D 32 -19.25 2.25 9.33
N GLU D 33 -19.40 2.72 10.57
CA GLU D 33 -19.09 4.11 10.88
C GLU D 33 -17.61 4.39 10.96
N GLY D 34 -16.77 3.35 10.93
CA GLY D 34 -15.33 3.51 10.89
C GLY D 34 -14.67 3.75 12.22
N ILE D 35 -15.37 3.64 13.36
CA ILE D 35 -14.72 3.95 14.62
C ILE D 35 -14.13 2.71 15.29
N LEU D 36 -14.41 1.52 14.78
CA LEU D 36 -13.69 0.31 15.17
C LEU D 36 -13.32 -0.42 13.88
N ASP D 37 -12.09 -0.91 13.83
CA ASP D 37 -11.65 -1.65 12.65
C ASP D 37 -11.20 -3.05 13.06
N SER D 38 -10.60 -3.77 12.11
CA SER D 38 -10.25 -5.16 12.34
C SER D 38 -9.29 -5.30 13.51
N MET D 39 -8.33 -4.38 13.62
CA MET D 39 -7.35 -4.47 14.69
C MET D 39 -7.93 -4.03 16.04
N GLY D 40 -8.83 -3.03 16.04
CA GLY D 40 -9.53 -2.73 17.27
C GLY D 40 -10.40 -3.88 17.72
N SER D 41 -10.93 -4.64 16.75
CA SER D 41 -11.74 -5.81 17.04
C SER D 41 -10.92 -6.88 17.77
N VAL D 42 -9.72 -7.16 17.26
CA VAL D 42 -8.79 -8.07 17.95
C VAL D 42 -8.44 -7.52 19.33
N GLN D 43 -8.09 -6.23 19.40
CA GLN D 43 -7.74 -5.63 20.68
C GLN D 43 -8.90 -5.71 21.68
N LEU D 44 -10.12 -5.47 21.21
CA LEU D 44 -11.29 -5.68 22.06
C LEU D 44 -11.27 -7.07 22.70
N LEU D 45 -11.12 -8.10 21.87
CA LEU D 45 -11.11 -9.46 22.42
C LEU D 45 -9.98 -9.62 23.42
N LEU D 46 -8.78 -9.12 23.09
CA LEU D 46 -7.66 -9.23 24.03
C LEU D 46 -7.91 -8.46 25.32
N GLU D 47 -8.60 -7.32 25.25
CA GLU D 47 -8.87 -6.54 26.46
C GLU D 47 -9.89 -7.24 27.34
N LEU D 48 -10.86 -7.91 26.72
CA LEU D 48 -11.85 -8.66 27.50
C LEU D 48 -11.16 -9.78 28.29
N GLN D 49 -10.30 -10.55 27.61
CA GLN D 49 -9.43 -11.51 28.28
C GLN D 49 -8.68 -10.88 29.46
N ASN D 50 -7.96 -9.80 29.18
CA ASN D 50 -7.11 -9.20 30.20
C ASN D 50 -7.93 -8.61 31.35
N GLN D 51 -8.99 -7.88 31.04
CA GLN D 51 -9.69 -7.12 32.06
C GLN D 51 -10.80 -7.89 32.77
N LEU D 52 -11.44 -8.87 32.12
CA LEU D 52 -12.51 -9.64 32.76
C LEU D 52 -12.32 -11.15 32.71
N GLY D 53 -11.16 -11.65 32.30
CA GLY D 53 -10.94 -13.08 32.29
C GLY D 53 -11.82 -13.88 31.37
N ILE D 54 -12.44 -13.23 30.38
CA ILE D 54 -13.27 -13.93 29.40
C ILE D 54 -12.46 -14.20 28.14
N GLU D 55 -12.36 -15.47 27.76
CA GLU D 55 -11.74 -15.89 26.52
C GLU D 55 -12.81 -15.98 25.43
N VAL D 56 -12.60 -15.28 24.32
CA VAL D 56 -13.45 -15.41 23.14
C VAL D 56 -12.61 -15.98 22.01
N PRO D 57 -12.82 -17.24 21.62
CA PRO D 57 -12.04 -17.79 20.49
C PRO D 57 -12.46 -17.15 19.19
N VAL D 58 -11.48 -16.96 18.30
CA VAL D 58 -11.80 -16.35 17.01
C VAL D 58 -12.78 -17.25 16.26
N SER D 59 -12.71 -18.56 16.47
CA SER D 59 -13.66 -19.50 15.86
C SER D 59 -15.10 -19.18 16.25
N GLU D 60 -15.31 -18.57 17.41
CA GLU D 60 -16.66 -18.20 17.86
C GLU D 60 -16.98 -16.73 17.60
N PHE D 61 -16.19 -16.06 16.77
CA PHE D 61 -16.36 -14.63 16.51
C PHE D 61 -17.03 -14.43 15.17
N GLN D 62 -18.17 -13.73 15.17
CA GLN D 62 -18.80 -13.28 13.93
C GLN D 62 -18.98 -11.77 14.03
N ARG D 63 -18.36 -11.04 13.10
CA ARG D 63 -18.39 -9.58 13.16
C ARG D 63 -19.81 -9.04 13.27
N SER D 64 -20.77 -9.63 12.53
CA SER D 64 -22.13 -9.15 12.59
C SER D 64 -22.76 -9.31 13.97
N GLU D 65 -22.27 -10.23 14.79
CA GLU D 65 -22.82 -10.41 16.14
C GLU D 65 -22.15 -9.52 17.18
N TRP D 66 -21.09 -8.82 16.78
CA TRP D 66 -20.27 -8.02 17.67
C TRP D 66 -20.12 -6.57 17.18
N ASP D 67 -21.01 -6.09 16.30
CA ASP D 67 -20.74 -4.84 15.57
C ASP D 67 -21.43 -3.61 16.13
N THR D 68 -22.23 -3.73 17.20
CA THR D 68 -22.83 -2.60 17.89
C THR D 68 -22.47 -2.63 19.38
N PRO D 69 -22.37 -1.47 20.02
CA PRO D 69 -22.11 -1.47 21.48
C PRO D 69 -23.10 -2.33 22.27
N ALA D 70 -24.39 -2.31 21.91
CA ALA D 70 -25.38 -3.09 22.65
C ALA D 70 -25.14 -4.59 22.45
N LYS D 71 -24.96 -5.03 21.19
CA LYS D 71 -24.63 -6.42 20.92
C LYS D 71 -23.42 -6.88 21.74
N ILE D 72 -22.37 -6.06 21.79
CA ILE D 72 -21.14 -6.46 22.48
C ILE D 72 -21.38 -6.59 23.97
N VAL D 73 -22.09 -5.62 24.56
CA VAL D 73 -22.36 -5.70 25.99
C VAL D 73 -23.09 -6.99 26.32
N ALA D 74 -24.05 -7.38 25.46
CA ALA D 74 -24.86 -8.54 25.72
C ALA D 74 -24.07 -9.83 25.53
N LYS D 75 -23.18 -9.84 24.52
CA LYS D 75 -22.28 -10.99 24.33
C LYS D 75 -21.44 -11.21 25.58
N VAL D 76 -20.83 -10.15 26.09
CA VAL D 76 -19.93 -10.27 27.23
C VAL D 76 -20.71 -10.71 28.46
N GLU D 77 -21.91 -10.16 28.65
CA GLU D 77 -22.74 -10.54 29.80
C GLU D 77 -23.03 -12.05 29.81
N ASN D 78 -23.42 -12.61 28.65
CA ASN D 78 -23.71 -14.04 28.61
C ASN D 78 -22.47 -14.87 28.89
N LEU D 79 -21.32 -14.47 28.34
CA LEU D 79 -20.09 -15.23 28.58
C LEU D 79 -19.70 -15.18 30.05
N GLN D 80 -19.91 -14.02 30.68
CA GLN D 80 -19.64 -13.89 32.11
C GLN D 80 -20.48 -14.86 32.92
N LEU D 81 -21.73 -15.07 32.53
CA LEU D 81 -22.67 -15.85 33.34
C LEU D 81 -22.52 -17.35 33.15
N GLU D 82 -21.61 -17.80 32.29
CA GLU D 82 -21.28 -19.22 32.18
C GLU D 82 -20.04 -19.59 32.98
N HIS D 83 -19.28 -18.60 33.46
CA HIS D 83 -18.18 -18.83 34.38
C HIS D 83 -18.64 -19.56 35.65
N MET E 1 -9.83 -17.14 -18.83
CA MET E 1 -9.61 -15.80 -18.31
C MET E 1 -8.14 -15.38 -18.32
N VAL E 2 -7.87 -14.15 -18.74
CA VAL E 2 -6.55 -13.55 -18.60
C VAL E 2 -6.70 -12.19 -17.94
N ILE E 3 -5.60 -11.69 -17.36
CA ILE E 3 -5.63 -10.33 -16.81
C ILE E 3 -5.72 -9.33 -17.93
N TYR E 4 -6.60 -8.34 -17.77
CA TYR E 4 -6.74 -7.26 -18.74
C TYR E 4 -6.03 -5.97 -18.33
N GLY E 5 -5.95 -5.69 -17.04
CA GLY E 5 -5.26 -4.50 -16.59
C GLY E 5 -5.25 -4.54 -15.09
N THR E 6 -4.28 -3.83 -14.50
CA THR E 6 -4.18 -3.64 -13.06
C THR E 6 -4.08 -2.15 -12.75
N GLY E 7 -4.47 -1.78 -11.52
CA GLY E 7 -4.43 -0.39 -11.12
C GLY E 7 -4.37 -0.22 -9.62
N ILE E 8 -3.57 0.73 -9.14
CA ILE E 8 -3.44 0.98 -7.73
C ILE E 8 -3.47 2.49 -7.52
N ASP E 9 -3.90 2.89 -6.33
CA ASP E 9 -3.84 4.29 -5.99
C ASP E 9 -3.64 4.41 -4.49
N LEU E 10 -2.72 5.27 -4.11
CA LEU E 10 -2.50 5.63 -2.72
C LEU E 10 -2.80 7.12 -2.57
N THR E 11 -3.76 7.46 -1.71
CA THR E 11 -4.28 8.80 -1.58
C THR E 11 -4.12 9.28 -0.15
N GLU E 12 -3.74 10.55 0.00
CA GLU E 12 -3.55 11.18 1.30
C GLU E 12 -4.89 11.74 1.77
N LEU E 13 -5.37 11.26 2.93
CA LEU E 13 -6.70 11.65 3.41
C LEU E 13 -6.81 13.15 3.61
N SER E 14 -5.73 13.79 4.09
CA SER E 14 -5.81 15.22 4.40
C SER E 14 -6.14 16.04 3.16
N ARG E 15 -5.70 15.60 1.97
CA ARG E 15 -6.03 16.37 0.78
C ARG E 15 -7.52 16.34 0.49
N ILE E 16 -8.15 15.17 0.62
CA ILE E 16 -9.60 15.08 0.46
C ILE E 16 -10.30 15.89 1.53
N GLU E 17 -9.82 15.77 2.77
CA GLU E 17 -10.42 16.53 3.87
C GLU E 17 -10.44 18.01 3.57
N ALA E 18 -9.35 18.53 3.02
CA ALA E 18 -9.25 19.96 2.76
C ALA E 18 -10.30 20.40 1.75
N ILE E 19 -10.47 19.63 0.68
CA ILE E 19 -11.49 19.94 -0.32
C ILE E 19 -12.89 19.92 0.30
N LEU E 20 -13.18 18.89 1.10
CA LEU E 20 -14.53 18.81 1.67
C LEU E 20 -14.80 19.94 2.66
N ALA E 21 -13.75 20.51 3.28
CA ALA E 21 -13.95 21.62 4.19
C ALA E 21 -14.20 22.93 3.44
N LYS E 22 -13.55 23.11 2.30
CA LYS E 22 -13.77 24.26 1.45
C LYS E 22 -15.17 24.26 0.83
N GLY E 23 -15.88 23.14 0.88
CA GLY E 23 -17.22 23.07 0.35
C GLY E 23 -17.33 22.90 -1.14
N LEU E 24 -16.25 22.51 -1.82
CA LEU E 24 -16.33 22.24 -3.25
C LEU E 24 -17.11 20.94 -3.48
N ARG E 25 -17.79 20.89 -4.62
CA ARG E 25 -18.75 19.82 -4.89
C ARG E 25 -18.10 18.50 -5.29
N LEU E 26 -17.09 18.05 -4.53
CA LEU E 26 -16.37 16.84 -4.88
C LEU E 26 -17.25 15.58 -4.80
N PRO E 27 -18.02 15.35 -3.73
CA PRO E 27 -18.83 14.12 -3.71
C PRO E 27 -19.85 14.05 -4.82
N GLU E 28 -20.41 15.18 -5.26
CA GLU E 28 -21.35 15.12 -6.37
C GLU E 28 -20.63 14.89 -7.69
N LYS E 29 -19.37 15.31 -7.80
CA LYS E 29 -18.62 15.04 -9.01
C LYS E 29 -18.06 13.60 -9.06
N ILE E 30 -17.74 12.98 -7.92
CA ILE E 30 -17.07 11.69 -7.90
C ILE E 30 -18.03 10.52 -7.66
N LEU E 31 -19.02 10.71 -6.80
CA LEU E 31 -19.84 9.62 -6.30
C LEU E 31 -21.13 9.53 -7.12
N THR E 32 -21.59 8.29 -7.37
CA THR E 32 -22.91 8.05 -7.94
C THR E 32 -23.99 8.35 -6.90
N PRO E 33 -25.24 8.48 -7.34
CA PRO E 33 -26.30 8.76 -6.36
C PRO E 33 -26.34 7.74 -5.24
N ALA E 34 -26.14 6.45 -5.54
CA ALA E 34 -26.15 5.42 -4.50
C ALA E 34 -24.97 5.59 -3.54
N GLU E 35 -23.78 5.88 -4.08
CA GLU E 35 -22.62 6.14 -3.23
C GLU E 35 -22.84 7.39 -2.39
N LEU E 36 -23.40 8.43 -3.00
CA LEU E 36 -23.60 9.69 -2.28
C LEU E 36 -24.53 9.49 -1.09
N ALA E 37 -25.51 8.59 -1.22
CA ALA E 37 -26.45 8.34 -0.13
C ALA E 37 -25.76 7.66 1.05
N VAL E 38 -24.92 6.66 0.79
CA VAL E 38 -24.11 6.05 1.85
C VAL E 38 -23.28 7.12 2.54
N PHE E 39 -22.59 7.94 1.73
CA PHE E 39 -21.74 9.02 2.22
C PHE E 39 -22.48 9.94 3.16
N SER E 40 -23.73 10.28 2.82
CA SER E 40 -24.51 11.24 3.57
C SER E 40 -24.86 10.79 4.99
N ARG E 41 -24.71 9.52 5.32
CA ARG E 41 -25.11 9.01 6.63
C ARG E 41 -23.98 8.86 7.62
N TYR E 42 -22.79 9.12 7.22
CA TYR E 42 -21.56 8.92 7.97
C TYR E 42 -21.16 10.19 8.71
N PRO E 43 -20.50 10.03 9.85
CA PRO E 43 -19.80 11.18 10.46
C PRO E 43 -18.68 11.68 9.56
N VAL E 44 -18.19 12.87 9.92
CA VAL E 44 -17.27 13.60 9.05
C VAL E 44 -16.00 12.79 8.81
N LYS E 45 -15.45 12.18 9.87
CA LYS E 45 -14.22 11.40 9.72
C LYS E 45 -14.40 10.29 8.68
N ARG E 46 -15.49 9.54 8.81
CA ARG E 46 -15.77 8.45 7.89
C ARG E 46 -16.10 8.97 6.51
N GLN E 47 -16.85 10.08 6.43
CA GLN E 47 -17.11 10.74 5.15
C GLN E 47 -15.82 11.03 4.40
N ILE E 48 -14.77 11.47 5.11
CA ILE E 48 -13.51 11.80 4.44
C ILE E 48 -12.87 10.53 3.90
N GLU E 49 -12.83 9.47 4.70
CA GLU E 49 -12.17 8.25 4.28
C GLU E 49 -13.01 7.54 3.22
N PHE E 50 -14.33 7.68 3.29
CA PHE E 50 -15.18 7.08 2.27
C PHE E 50 -15.00 7.80 0.93
N MET E 51 -15.10 9.14 0.94
CA MET E 51 -14.79 9.96 -0.23
C MET E 51 -13.42 9.61 -0.81
N ALA E 52 -12.40 9.54 0.05
CA ALA E 52 -11.05 9.32 -0.46
C ALA E 52 -10.92 7.93 -1.05
N GLY E 53 -11.46 6.91 -0.37
CA GLY E 53 -11.36 5.55 -0.88
C GLY E 53 -12.09 5.38 -2.20
N ARG E 54 -13.23 6.06 -2.36
CA ARG E 54 -13.97 5.96 -3.61
C ARG E 54 -13.26 6.69 -4.73
N PHE E 55 -12.73 7.88 -4.45
CA PHE E 55 -11.86 8.56 -5.41
C PHE E 55 -10.69 7.68 -5.82
N SER E 56 -9.99 7.14 -4.82
CA SER E 56 -8.82 6.30 -5.05
C SER E 56 -9.17 5.08 -5.89
N ALA E 57 -10.28 4.40 -5.55
CA ALA E 57 -10.66 3.19 -6.28
C ALA E 57 -11.00 3.49 -7.72
N LYS E 58 -11.62 4.64 -8.00
CA LYS E 58 -12.00 4.91 -9.38
C LYS E 58 -10.79 5.32 -10.22
N GLU E 59 -9.85 6.05 -9.63
CA GLU E 59 -8.58 6.31 -10.31
C GLU E 59 -7.84 5.01 -10.58
N ALA E 60 -7.76 4.15 -9.57
CA ALA E 60 -7.17 2.83 -9.77
C ALA E 60 -7.92 2.04 -10.86
N TYR E 61 -9.25 2.12 -10.86
CA TYR E 61 -10.00 1.44 -11.90
C TYR E 61 -9.59 1.97 -13.28
N SER E 62 -9.53 3.29 -13.43
CA SER E 62 -9.22 3.86 -14.74
C SER E 62 -7.81 3.48 -15.20
N LYS E 63 -6.91 3.23 -14.26
CA LYS E 63 -5.61 2.69 -14.65
C LYS E 63 -5.74 1.26 -15.15
N ALA E 64 -6.51 0.42 -14.43
CA ALA E 64 -6.71 -0.95 -14.92
C ALA E 64 -7.41 -0.93 -16.27
N TYR E 65 -8.33 0.02 -16.45
CA TYR E 65 -9.07 0.16 -17.70
C TYR E 65 -8.14 0.59 -18.83
N GLY E 66 -7.07 1.31 -18.50
CA GLY E 66 -6.01 1.62 -19.43
C GLY E 66 -6.02 3.03 -19.96
N THR E 67 -7.04 3.83 -19.62
CA THR E 67 -7.24 5.16 -20.19
C THR E 67 -7.08 6.30 -19.19
N GLY E 68 -7.30 6.06 -17.90
CA GLY E 68 -7.44 7.16 -16.99
C GLY E 68 -8.81 7.80 -17.15
N ILE E 69 -9.18 8.59 -16.14
CA ILE E 69 -10.50 9.20 -16.09
C ILE E 69 -10.63 10.27 -17.17
N GLY E 70 -11.74 10.23 -17.91
CA GLY E 70 -11.94 11.14 -19.02
C GLY E 70 -13.10 10.76 -19.91
N ALA E 71 -12.95 10.95 -21.23
CA ALA E 71 -14.03 10.60 -22.15
C ALA E 71 -14.26 9.09 -22.18
N ALA E 72 -13.21 8.31 -21.94
CA ALA E 72 -13.34 6.85 -22.06
C ALA E 72 -14.09 6.28 -20.88
N VAL E 73 -13.87 6.85 -19.70
CA VAL E 73 -14.51 6.36 -18.48
C VAL E 73 -14.51 7.51 -17.48
N GLY E 74 -15.67 7.76 -16.85
CA GLY E 74 -15.81 8.79 -15.87
C GLY E 74 -16.08 8.20 -14.50
N PHE E 75 -15.97 9.05 -13.49
CA PHE E 75 -16.31 8.64 -12.13
C PHE E 75 -17.75 8.13 -12.04
N GLN E 76 -18.67 8.68 -12.83
CA GLN E 76 -20.07 8.26 -12.78
C GLN E 76 -20.32 6.93 -13.49
N ASP E 77 -19.33 6.40 -14.22
CA ASP E 77 -19.42 5.09 -14.83
C ASP E 77 -19.01 3.95 -13.91
N ILE E 78 -18.43 4.25 -12.77
CA ILE E 78 -17.90 3.26 -11.83
C ILE E 78 -18.62 3.43 -10.52
N GLU E 79 -19.04 2.33 -9.93
CA GLU E 79 -19.69 2.40 -8.64
C GLU E 79 -19.14 1.31 -7.74
N ILE E 80 -18.85 1.69 -6.50
CA ILE E 80 -18.35 0.78 -5.49
C ILE E 80 -19.24 0.92 -4.25
N LEU E 81 -19.90 -0.17 -3.88
CA LEU E 81 -20.78 -0.20 -2.72
C LEU E 81 -20.46 -1.42 -1.88
N ASP E 82 -20.46 -1.23 -0.55
CA ASP E 82 -20.27 -2.35 0.35
C ASP E 82 -21.56 -3.15 0.42
N ASN E 83 -21.45 -4.48 0.33
CA ASN E 83 -22.63 -5.33 0.51
C ASN E 83 -23.01 -5.36 2.00
N ALA E 84 -23.98 -6.22 2.35
CA ALA E 84 -24.48 -6.25 3.72
C ALA E 84 -23.39 -6.63 4.72
N GLN E 85 -22.51 -7.57 4.37
CA GLN E 85 -21.39 -7.92 5.23
C GLN E 85 -20.28 -6.88 5.23
N GLY E 86 -20.42 -5.82 4.44
CA GLY E 86 -19.48 -4.72 4.51
C GLY E 86 -18.33 -4.79 3.53
N LYS E 87 -18.41 -5.66 2.51
CA LYS E 87 -17.30 -5.76 1.58
C LYS E 87 -17.53 -4.85 0.37
N PRO E 88 -16.59 -3.96 0.05
CA PRO E 88 -16.70 -3.20 -1.20
C PRO E 88 -16.80 -4.13 -2.41
N GLU E 89 -17.74 -3.82 -3.29
CA GLU E 89 -17.87 -4.47 -4.57
C GLU E 89 -17.98 -3.42 -5.66
N VAL E 90 -17.47 -3.76 -6.85
CA VAL E 90 -17.70 -2.91 -8.03
C VAL E 90 -19.05 -3.34 -8.59
N THR E 91 -20.08 -2.54 -8.32
CA THR E 91 -21.44 -2.86 -8.73
C THR E 91 -21.78 -2.30 -10.11
N ARG E 92 -21.04 -1.30 -10.59
CA ARG E 92 -21.12 -0.83 -11.97
C ARG E 92 -19.72 -0.51 -12.45
N HIS E 93 -19.43 -0.90 -13.69
CA HIS E 93 -18.17 -0.52 -14.31
C HIS E 93 -18.26 -0.86 -15.78
N PRO E 94 -17.60 -0.10 -16.66
CA PRO E 94 -17.86 -0.25 -18.10
C PRO E 94 -17.17 -1.42 -18.79
N PHE E 95 -16.23 -2.09 -18.14
CA PHE E 95 -15.45 -3.12 -18.80
C PHE E 95 -16.20 -4.45 -18.89
N ASP E 96 -16.04 -5.15 -20.02
CA ASP E 96 -16.68 -6.46 -20.21
C ASP E 96 -15.83 -7.60 -19.62
N GLY E 97 -15.79 -7.65 -18.29
CA GLY E 97 -15.14 -8.75 -17.61
C GLY E 97 -15.18 -8.52 -16.12
N PRO E 98 -14.73 -9.49 -15.32
CA PRO E 98 -14.76 -9.30 -13.86
C PRO E 98 -13.84 -8.16 -13.45
N ALA E 99 -14.24 -7.49 -12.36
CA ALA E 99 -13.48 -6.41 -11.75
C ALA E 99 -13.28 -6.76 -10.28
N TRP E 100 -12.05 -6.73 -9.82
CA TRP E 100 -11.71 -7.01 -8.43
C TRP E 100 -11.26 -5.74 -7.76
N ILE E 101 -11.72 -5.51 -6.54
CA ILE E 101 -11.36 -4.29 -5.83
C ILE E 101 -10.99 -4.67 -4.42
N SER E 102 -9.95 -4.04 -3.89
CA SER E 102 -9.69 -4.10 -2.46
C SER E 102 -9.27 -2.72 -2.01
N ILE E 103 -9.65 -2.37 -0.78
CA ILE E 103 -9.40 -1.06 -0.21
C ILE E 103 -8.89 -1.26 1.21
N SER E 104 -7.86 -0.49 1.59
CA SER E 104 -7.44 -0.45 2.99
C SER E 104 -7.02 0.99 3.32
N HIS E 105 -7.13 1.37 4.60
CA HIS E 105 -6.88 2.74 5.00
C HIS E 105 -6.26 2.76 6.39
N THR E 106 -5.59 3.87 6.71
CA THR E 106 -5.22 4.21 8.08
C THR E 106 -5.94 5.48 8.48
N ASP E 107 -5.41 6.20 9.48
CA ASP E 107 -5.95 7.52 9.79
C ASP E 107 -5.47 8.59 8.83
N THR E 108 -4.43 8.34 8.04
CA THR E 108 -3.93 9.35 7.13
C THR E 108 -3.94 8.93 5.67
N LEU E 109 -4.13 7.65 5.35
CA LEU E 109 -3.96 7.16 3.99
C LEU E 109 -5.04 6.15 3.63
N VAL E 110 -5.34 6.05 2.34
CA VAL E 110 -6.15 4.96 1.81
C VAL E 110 -5.47 4.42 0.56
N MET E 111 -5.44 3.10 0.41
CA MET E 111 -4.88 2.48 -0.77
C MET E 111 -5.91 1.56 -1.37
N THR E 112 -5.93 1.51 -2.69
CA THR E 112 -6.86 0.67 -3.42
C THR E 112 -6.12 -0.06 -4.52
N GLN E 113 -6.68 -1.18 -4.93
CA GLN E 113 -6.13 -1.91 -6.06
C GLN E 113 -7.26 -2.50 -6.87
N VAL E 114 -7.11 -2.44 -8.19
CA VAL E 114 -8.11 -2.96 -9.10
C VAL E 114 -7.44 -3.91 -10.08
N ILE E 115 -8.05 -5.07 -10.30
CA ILE E 115 -7.63 -5.98 -11.36
C ILE E 115 -8.84 -6.23 -12.25
N LEU E 116 -8.63 -6.13 -13.56
CA LEU E 116 -9.67 -6.48 -14.52
C LEU E 116 -9.23 -7.75 -15.23
N GLU E 117 -10.16 -8.68 -15.40
CA GLU E 117 -9.93 -9.93 -16.12
C GLU E 117 -10.80 -9.94 -17.37
N ARG E 118 -10.38 -10.69 -18.37
CA ARG E 118 -11.11 -10.79 -19.63
C ARG E 118 -11.16 -12.24 -20.08
N GLY E 119 -12.34 -12.67 -20.53
CA GLY E 119 -12.53 -14.05 -20.96
C GLY E 119 -11.87 -14.24 -22.32
N THR F 6 -8.60 40.11 -16.04
CA THR F 6 -9.29 39.06 -16.78
C THR F 6 -8.52 37.74 -16.75
N LYS F 7 -9.02 36.80 -15.94
CA LYS F 7 -8.55 35.41 -15.94
C LYS F 7 -7.06 35.30 -15.59
N ALA F 8 -6.59 36.15 -14.68
CA ALA F 8 -5.36 35.82 -13.97
C ALA F 8 -5.65 34.94 -12.77
N THR F 9 -6.91 34.59 -12.57
CA THR F 9 -7.33 33.75 -11.46
C THR F 9 -6.97 32.28 -11.69
N VAL F 10 -7.12 31.80 -12.93
CA VAL F 10 -6.56 30.52 -13.35
C VAL F 10 -5.14 30.32 -12.84
N LEU F 11 -4.32 31.37 -12.88
CA LEU F 11 -2.96 31.29 -12.37
C LEU F 11 -2.93 31.29 -10.85
N SER F 12 -3.83 32.04 -10.22
CA SER F 12 -3.89 32.03 -8.76
C SER F 12 -4.42 30.71 -8.24
N ILE F 13 -5.33 30.08 -8.98
CA ILE F 13 -5.77 28.74 -8.61
C ILE F 13 -4.63 27.75 -8.77
N LEU F 14 -3.96 27.78 -9.92
CA LEU F 14 -2.85 26.87 -10.17
C LEU F 14 -1.76 27.02 -9.12
N ALA F 15 -1.46 28.26 -8.74
CA ALA F 15 -0.49 28.50 -7.68
C ALA F 15 -0.92 27.86 -6.38
N ASP F 16 -2.22 27.90 -6.08
CA ASP F 16 -2.71 27.28 -4.85
C ASP F 16 -2.74 25.77 -4.96
N LEU F 17 -3.10 25.24 -6.13
CA LEU F 17 -3.18 23.79 -6.30
C LEU F 17 -1.80 23.16 -6.23
N THR F 18 -0.80 23.84 -6.79
CA THR F 18 0.53 23.27 -6.97
C THR F 18 1.55 23.78 -5.95
N GLY F 19 1.22 24.83 -5.20
CA GLY F 19 2.18 25.42 -4.29
C GLY F 19 3.34 26.10 -4.96
N GLU F 20 3.20 26.48 -6.23
CA GLU F 20 4.28 27.09 -6.99
C GLU F 20 3.70 28.08 -7.99
N ASP F 21 4.52 29.05 -8.39
CA ASP F 21 4.14 30.06 -9.36
C ASP F 21 4.50 29.59 -10.77
N VAL F 22 3.53 29.63 -11.68
CA VAL F 22 3.69 29.00 -12.97
C VAL F 22 3.78 30.06 -14.08
N SER F 23 4.59 31.09 -13.86
CA SER F 23 4.90 32.08 -14.88
C SER F 23 6.21 31.69 -15.57
N SER F 24 6.31 31.99 -16.86
CA SER F 24 7.33 31.47 -17.78
C SER F 24 7.28 29.94 -17.85
N ASN F 25 6.38 29.31 -17.11
CA ASN F 25 6.07 27.91 -17.26
C ASN F 25 4.81 27.70 -18.09
N MET F 26 4.40 28.71 -18.87
CA MET F 26 3.22 28.61 -19.70
C MET F 26 3.41 27.56 -20.80
N ASP F 27 3.99 26.42 -20.43
CA ASP F 27 4.31 25.34 -21.35
C ASP F 27 4.88 24.21 -20.51
N VAL F 28 5.07 24.48 -19.22
CA VAL F 28 5.44 23.41 -18.30
C VAL F 28 4.33 22.37 -18.34
N ASN F 29 4.73 21.12 -18.51
CA ASN F 29 3.76 20.03 -18.48
C ASN F 29 3.56 19.74 -17.01
N LEU F 30 2.43 20.22 -16.47
CA LEU F 30 2.22 20.19 -15.02
C LEU F 30 2.13 18.75 -14.51
N PHE F 31 1.66 17.84 -15.36
CA PHE F 31 1.56 16.45 -14.93
C PHE F 31 2.92 15.74 -15.02
N ASP F 32 3.67 15.95 -16.10
CA ASP F 32 4.97 15.30 -16.22
C ASP F 32 5.92 15.78 -15.14
N GLU F 33 5.89 17.08 -14.82
CA GLU F 33 6.70 17.64 -13.75
C GLU F 33 6.23 17.26 -12.34
N GLY F 34 5.09 16.58 -12.20
CA GLY F 34 4.63 16.20 -10.87
C GLY F 34 4.07 17.33 -10.06
N ILE F 35 3.80 18.46 -10.71
CA ILE F 35 3.30 19.64 -10.02
C ILE F 35 1.78 19.58 -9.84
N LEU F 36 1.10 18.88 -10.74
CA LEU F 36 -0.33 18.63 -10.67
C LEU F 36 -0.57 17.13 -10.87
N ASP F 37 -1.40 16.54 -10.02
CA ASP F 37 -1.72 15.12 -10.13
C ASP F 37 -3.22 14.98 -10.43
N SER F 38 -3.73 13.73 -10.36
CA SER F 38 -5.13 13.46 -10.69
C SER F 38 -6.09 14.21 -9.78
N MET F 39 -5.85 14.16 -8.47
CA MET F 39 -6.69 14.90 -7.54
C MET F 39 -6.68 16.40 -7.85
N GLY F 40 -5.48 16.98 -8.01
CA GLY F 40 -5.39 18.40 -8.31
C GLY F 40 -6.12 18.76 -9.58
N SER F 41 -6.03 17.91 -10.59
CA SER F 41 -6.78 18.13 -11.82
C SER F 41 -8.28 18.20 -11.55
N VAL F 42 -8.81 17.30 -10.70
CA VAL F 42 -10.22 17.37 -10.32
C VAL F 42 -10.53 18.68 -9.58
N GLN F 43 -9.65 19.08 -8.64
CA GLN F 43 -9.82 20.36 -7.95
C GLN F 43 -9.84 21.53 -8.92
N LEU F 44 -8.94 21.51 -9.90
CA LEU F 44 -8.94 22.58 -10.91
C LEU F 44 -10.32 22.76 -11.50
N LEU F 45 -11.02 21.66 -11.77
CA LEU F 45 -12.34 21.76 -12.35
C LEU F 45 -13.36 22.26 -11.33
N LEU F 46 -13.32 21.71 -10.10
CA LEU F 46 -14.20 22.20 -9.05
C LEU F 46 -13.97 23.68 -8.79
N GLU F 47 -12.71 24.13 -8.86
CA GLU F 47 -12.40 25.53 -8.63
C GLU F 47 -12.87 26.39 -9.79
N LEU F 48 -12.62 25.95 -11.02
CA LEU F 48 -13.04 26.73 -12.18
C LEU F 48 -14.55 26.84 -12.28
N GLN F 49 -15.30 25.94 -11.63
CA GLN F 49 -16.74 26.08 -11.52
C GLN F 49 -17.14 26.98 -10.35
N ASN F 50 -16.51 26.80 -9.19
CA ASN F 50 -16.83 27.60 -8.02
C ASN F 50 -16.44 29.07 -8.15
N GLN F 51 -15.48 29.40 -9.01
CA GLN F 51 -14.94 30.75 -9.11
C GLN F 51 -15.26 31.45 -10.42
N LEU F 52 -15.20 30.74 -11.54
CA LEU F 52 -15.52 31.31 -12.85
C LEU F 52 -16.88 30.85 -13.36
N GLY F 53 -17.59 30.02 -12.60
CA GLY F 53 -18.87 29.49 -13.06
C GLY F 53 -18.77 28.63 -14.29
N ILE F 54 -17.60 28.07 -14.58
CA ILE F 54 -17.40 27.21 -15.75
C ILE F 54 -17.61 25.75 -15.34
N GLU F 55 -18.54 25.07 -16.00
CA GLU F 55 -18.78 23.66 -15.76
C GLU F 55 -18.18 22.81 -16.88
N VAL F 56 -17.27 21.95 -16.53
CA VAL F 56 -16.57 21.06 -17.47
C VAL F 56 -16.89 19.61 -17.08
N PRO F 57 -17.77 18.92 -17.76
CA PRO F 57 -18.03 17.53 -17.42
C PRO F 57 -16.84 16.65 -17.72
N VAL F 58 -16.75 15.53 -16.99
CA VAL F 58 -15.65 14.59 -17.17
C VAL F 58 -15.68 13.97 -18.56
N SER F 59 -16.83 13.94 -19.22
CA SER F 59 -16.92 13.49 -20.61
C SER F 59 -15.91 14.20 -21.50
N GLU F 60 -15.83 15.53 -21.41
CA GLU F 60 -14.98 16.32 -22.30
C GLU F 60 -13.68 16.74 -21.64
N PHE F 61 -13.22 16.02 -20.63
CA PHE F 61 -11.91 16.27 -20.08
C PHE F 61 -10.91 15.34 -20.75
N GLN F 62 -9.78 15.92 -21.16
CA GLN F 62 -8.68 15.17 -21.75
C GLN F 62 -7.41 15.79 -21.18
N ARG F 63 -6.69 15.00 -20.39
CA ARG F 63 -5.50 15.50 -19.71
C ARG F 63 -4.52 16.14 -20.70
N SER F 64 -4.34 15.50 -21.86
CA SER F 64 -3.48 16.05 -22.92
C SER F 64 -3.82 17.51 -23.26
N GLU F 65 -5.10 17.88 -23.20
CA GLU F 65 -5.55 19.22 -23.52
C GLU F 65 -5.44 20.20 -22.35
N TRP F 66 -5.14 19.71 -21.15
CA TRP F 66 -5.13 20.53 -19.94
C TRP F 66 -3.80 20.51 -19.22
N ASP F 67 -2.80 19.83 -19.76
CA ASP F 67 -1.55 19.56 -19.03
C ASP F 67 -0.60 20.76 -19.01
N THR F 68 -1.06 21.95 -19.37
CA THR F 68 -0.21 23.13 -19.47
C THR F 68 -0.99 24.36 -19.04
N PRO F 69 -0.40 25.24 -18.22
CA PRO F 69 -1.11 26.48 -17.85
C PRO F 69 -1.47 27.33 -19.06
N ALA F 70 -0.60 27.42 -20.05
CA ALA F 70 -0.99 28.07 -21.30
C ALA F 70 -2.24 27.40 -21.86
N LYS F 71 -2.19 26.08 -22.07
CA LYS F 71 -3.36 25.39 -22.60
C LYS F 71 -4.58 25.52 -21.71
N ILE F 72 -4.38 25.82 -20.43
CA ILE F 72 -5.50 25.91 -19.50
C ILE F 72 -6.38 27.12 -19.85
N VAL F 73 -5.90 28.00 -20.74
CA VAL F 73 -6.75 29.04 -21.31
C VAL F 73 -7.83 28.43 -22.20
N ALA F 74 -8.05 27.11 -22.09
CA ALA F 74 -9.22 26.47 -22.70
C ALA F 74 -10.53 26.99 -22.13
N LYS F 75 -10.49 27.85 -21.12
CA LYS F 75 -11.69 28.51 -20.60
C LYS F 75 -12.25 29.43 -21.66
N VAL F 76 -12.95 28.84 -22.64
CA VAL F 76 -13.49 29.68 -23.71
C VAL F 76 -14.47 30.68 -23.12
N GLU F 77 -15.41 30.21 -22.27
CA GLU F 77 -16.48 31.03 -21.68
C GLU F 77 -16.92 32.15 -22.60
N ASN F 78 -17.16 31.81 -23.87
CA ASN F 78 -17.35 32.77 -24.93
C ASN F 78 -18.52 32.29 -25.79
O23 PNS G . 14.85 -6.09 1.66
P24 PNS G . 13.89 -5.20 0.87
O26 PNS G . 12.58 -5.99 0.68
O27 PNS G . 13.41 -3.86 1.74
C28 PNS G . 12.48 -3.86 2.79
C29 PNS G . 11.78 -2.47 2.83
C30 PNS G . 12.52 -1.58 1.84
C31 PNS G . 11.88 -1.75 4.19
C32 PNS G . 10.29 -2.63 2.45
O33 PNS G . 9.83 -1.46 1.74
C34 PNS G . 9.93 -4.05 1.93
O35 PNS G . 9.77 -4.34 0.76
N36 PNS G . 9.78 -5.08 2.94
C37 PNS G . 9.47 -6.49 2.65
C38 PNS G . 9.95 -7.34 3.82
C39 PNS G . 8.76 -7.68 4.73
O40 PNS G . 7.77 -7.03 4.76
N41 PNS G . 8.83 -8.83 5.58
C42 PNS G . 7.71 -9.14 6.43
C43 PNS G . 7.45 -10.56 5.92
S44 PNS G . 8.87 -11.55 6.49
C TRS H . -5.69 -15.42 -14.39
C1 TRS H . -6.16 -15.85 -13.01
C2 TRS H . -6.32 -14.07 -14.72
C3 TRS H . -4.17 -15.32 -14.35
N TRS H . -6.06 -16.42 -15.40
O1 TRS H . -5.91 -17.24 -12.84
O2 TRS H . -7.45 -14.25 -15.54
O3 TRS H . -3.64 -15.49 -15.66
#